data_6TMQ
#
_entry.id   6TMQ
#
_cell.length_a   110.368
_cell.length_b   110.368
_cell.length_c   83.863
_cell.angle_alpha   90.000
_cell.angle_beta   90.000
_cell.angle_gamma   120.000
#
_symmetry.space_group_name_H-M   'P 64'
#
loop_
_entity.id
_entity.type
_entity.pdbx_description
1 polymer '[Pyruvate dehydrogenase (acetyl-transferring)] kinase isozyme 2, mitochondrial'
2 non-polymer 'N-(2-AMINOETHYL)-2-{3-CHLORO-4-[(4-ISOPROPYLBENZYL)OXY]PHENYL} ACETAMIDE'
3 non-polymer [2,4-bis(oxidanyl)phenyl]-[(1~{S})-6,7-dimethoxy-1-pyridin-3-yl-3,4-dihydro-1~{H}-isoquinolin-2-yl]methanone
4 non-polymer 'DIMETHYL SULFOXIDE'
5 water water
#
_entity_poly.entity_id   1
_entity_poly.type   'polypeptide(L)'
_entity_poly.pdbx_seq_one_letter_code
;GSAPKYIEHFSKFSPSPLSMKQFLDFGSSNACEKTSFTFLRQELPVRLANIMKEINLLPDRVLSTPSVQLVQSWYVQSLL
DIMEFLDKDPEDHRTLSQFTDALVTIRNRHNDVVPTMAQGVLEYKDTYGDDPVSNQNIQYFLDRFYLSRISIRMLINQHT
LIFDGSTNPAHPKHIGSIDPNCNVSEVVKDAYDMAKLLCDKYYMASPDLEIQEINAANSKQPIHMVYVPSHLYHMLFELF
KNAMRATVESHESSLILPPIKVMVALGEEDLSIKMSDRGGGVPLRKIERLFSYMYSTAPTPQPGTGGTPLAGFGYGLPIS
RLYAKYFQGDLQLFSMEGFGTDAVIYLKALSTDSVERLPVYNKSAWRHYQTIQEAGDWCVPSTEPKNTSTYRVS
;
_entity_poly.pdbx_strand_id   AAA
#
loop_
_chem_comp.id
_chem_comp.type
_chem_comp.name
_chem_comp.formula
DMS non-polymer 'DIMETHYL SULFOXIDE' 'C2 H6 O S'
NMW non-polymer [2,4-bis(oxidanyl)phenyl]-[(1~{S})-6,7-dimethoxy-1-pyridin-3-yl-3,4-dihydro-1~{H}-isoquinolin-2-yl]methanone 'C23 H22 N2 O5'
TF3 non-polymer 'N-(2-AMINOETHYL)-2-{3-CHLORO-4-[(4-ISOPROPYLBENZYL)OXY]PHENYL} ACETAMIDE' 'C20 H25 Cl N2 O2'
#
# COMPACT_ATOMS: atom_id res chain seq x y z
N GLY A 1 -3.51 31.33 12.71
CA GLY A 1 -4.16 29.98 12.76
C GLY A 1 -3.58 29.15 13.88
N SER A 2 -4.13 27.95 14.12
CA SER A 2 -3.74 27.01 15.22
C SER A 2 -3.13 25.70 14.70
N ALA A 3 -2.99 25.49 13.38
CA ALA A 3 -2.56 24.19 12.79
C ALA A 3 -1.40 23.62 13.61
N PRO A 4 -0.31 24.37 13.88
CA PRO A 4 0.81 23.85 14.70
C PRO A 4 0.46 23.36 16.11
N LYS A 5 -0.56 23.96 16.73
CA LYS A 5 -1.06 23.67 18.10
C LYS A 5 -1.79 22.32 18.02
N TYR A 6 -2.72 22.21 17.06
CA TYR A 6 -3.45 20.97 16.68
C TYR A 6 -2.48 19.78 16.47
N ILE A 7 -1.52 19.96 15.57
CA ILE A 7 -0.44 18.98 15.27
C ILE A 7 0.22 18.54 16.59
N GLU A 8 0.58 19.49 17.44
CA GLU A 8 1.20 19.19 18.75
C GLU A 8 0.20 18.39 19.62
N HIS A 9 -1.04 18.86 19.77
CA HIS A 9 -2.04 18.18 20.63
C HIS A 9 -2.20 16.74 20.15
N PHE A 10 -2.54 16.55 18.87
CA PHE A 10 -3.00 15.25 18.29
C PHE A 10 -1.84 14.26 18.14
N SER A 11 -0.61 14.75 17.94
CA SER A 11 0.63 13.94 17.92
C SER A 11 1.02 13.51 19.33
N LYS A 12 0.33 13.96 20.37
CA LYS A 12 0.50 13.42 21.75
C LYS A 12 -0.10 12.01 21.78
N PHE A 13 -1.12 11.77 20.94
CA PHE A 13 -1.90 10.51 20.89
C PHE A 13 -1.15 9.52 19.99
N SER A 14 -1.31 8.22 20.26
CA SER A 14 -0.81 7.13 19.38
C SER A 14 -1.92 6.72 18.43
N PRO A 15 -1.64 6.47 17.13
CA PRO A 15 -2.63 5.88 16.25
C PRO A 15 -3.10 4.56 16.88
N SER A 16 -4.40 4.24 16.75
CA SER A 16 -5.03 2.99 17.24
C SER A 16 -5.13 2.03 16.07
N PRO A 17 -4.30 0.98 16.00
CA PRO A 17 -4.45 -0.04 14.97
C PRO A 17 -5.75 -0.83 15.21
N LEU A 18 -6.58 -0.95 14.17
CA LEU A 18 -7.75 -1.84 14.08
C LEU A 18 -7.36 -3.14 13.39
N SER A 19 -8.11 -4.20 13.66
CA SER A 19 -7.96 -5.54 13.04
C SER A 19 -9.00 -5.66 11.95
N MET A 20 -8.75 -6.51 10.96
CA MET A 20 -9.78 -7.00 10.02
C MET A 20 -11.08 -7.23 10.78
N LYS A 21 -11.04 -7.95 11.90
CA LYS A 21 -12.29 -8.31 12.62
C LYS A 21 -13.03 -7.01 12.97
N GLN A 22 -12.36 -6.05 13.62
CA GLN A 22 -12.94 -4.74 14.05
C GLN A 22 -13.51 -3.98 12.85
N PHE A 23 -12.81 -4.01 11.71
CA PHE A 23 -13.23 -3.34 10.45
C PHE A 23 -14.58 -3.88 9.95
N LEU A 24 -14.69 -5.22 9.88
CA LEU A 24 -15.92 -5.94 9.51
C LEU A 24 -17.06 -5.56 10.46
N ASP A 25 -16.80 -5.50 11.76
CA ASP A 25 -17.80 -5.05 12.76
C ASP A 25 -18.04 -3.54 12.53
N PHE A 26 -18.89 -3.20 11.54
CA PHE A 26 -19.25 -1.83 11.10
C PHE A 26 -20.19 -1.92 9.87
N ALA A 31 -21.11 -1.92 14.34
CA ALA A 31 -21.61 -0.65 14.90
C ALA A 31 -22.23 0.21 13.79
N CYS A 32 -22.47 1.49 14.07
CA CYS A 32 -23.33 2.43 13.30
C CYS A 32 -22.46 3.49 12.60
N GLU A 33 -23.05 4.34 11.76
CA GLU A 33 -22.33 5.47 11.10
C GLU A 33 -21.85 6.47 12.16
N LYS A 34 -22.59 6.62 13.26
CA LYS A 34 -22.31 7.65 14.29
C LYS A 34 -21.00 7.27 15.00
N THR A 35 -20.85 5.98 15.27
CA THR A 35 -19.63 5.37 15.88
C THR A 35 -18.40 5.63 15.00
N SER A 36 -18.54 5.43 13.69
CA SER A 36 -17.48 5.67 12.68
C SER A 36 -17.12 7.17 12.70
N PHE A 37 -18.13 8.05 12.63
CA PHE A 37 -17.96 9.52 12.73
C PHE A 37 -17.16 9.91 13.97
N THR A 38 -17.58 9.48 15.17
CA THR A 38 -16.98 9.93 16.45
C THR A 38 -15.59 9.28 16.60
N PHE A 39 -15.40 8.06 16.08
CA PHE A 39 -14.07 7.40 16.07
C PHE A 39 -13.10 8.18 15.19
N LEU A 40 -13.54 8.45 13.95
CA LEU A 40 -12.69 8.99 12.87
C LEU A 40 -12.31 10.43 13.17
N ARG A 41 -13.25 11.24 13.66
CA ARG A 41 -13.04 12.70 13.84
C ARG A 41 -12.02 12.93 14.97
N GLN A 42 -11.73 11.90 15.78
CA GLN A 42 -10.54 11.82 16.68
C GLN A 42 -9.36 11.18 15.94
N GLU A 43 -9.56 9.98 15.35
CA GLU A 43 -8.46 9.09 14.85
C GLU A 43 -7.75 9.69 13.63
N LEU A 44 -8.48 10.31 12.71
CA LEU A 44 -7.82 10.90 11.52
C LEU A 44 -6.89 12.02 11.95
N PRO A 45 -7.31 13.01 12.77
CA PRO A 45 -6.38 14.01 13.29
C PRO A 45 -5.13 13.40 13.93
N VAL A 46 -5.31 12.35 14.76
CA VAL A 46 -4.17 11.63 15.42
C VAL A 46 -3.20 11.16 14.32
N ARG A 47 -3.73 10.56 13.26
CA ARG A 47 -2.90 9.94 12.20
C ARG A 47 -2.30 11.02 11.31
N LEU A 48 -3.09 12.03 10.93
CA LEU A 48 -2.54 13.19 10.17
C LEU A 48 -1.40 13.82 10.96
N ALA A 49 -1.67 14.17 12.22
CA ALA A 49 -0.75 14.95 13.10
C ALA A 49 0.56 14.18 13.29
N ASN A 50 0.48 12.86 13.51
CA ASN A 50 1.69 12.02 13.76
C ASN A 50 2.61 12.16 12.55
N ILE A 51 2.06 12.10 11.33
CA ILE A 51 2.94 12.09 10.13
C ILE A 51 3.37 13.52 9.79
N MET A 52 2.52 14.52 10.03
CA MET A 52 2.90 15.96 9.86
C MET A 52 4.03 16.31 10.82
N LYS A 53 3.99 15.75 12.04
CA LYS A 53 5.05 15.98 13.05
C LYS A 53 6.36 15.48 12.46
N GLU A 54 6.31 14.36 11.76
CA GLU A 54 7.53 13.69 11.26
C GLU A 54 8.06 14.47 10.04
N ILE A 55 7.17 14.95 9.18
CA ILE A 55 7.55 15.79 8.00
C ILE A 55 8.35 16.99 8.53
N ASN A 56 7.89 17.63 9.62
CA ASN A 56 8.52 18.84 10.23
C ASN A 56 9.92 18.52 10.79
N LEU A 57 10.28 17.26 11.00
CA LEU A 57 11.61 16.82 11.53
C LEU A 57 12.60 16.60 10.37
N LEU A 58 12.15 16.67 9.12
CA LEU A 58 13.06 16.55 7.96
C LEU A 58 13.98 17.76 7.93
N PRO A 59 15.25 17.61 7.53
CA PRO A 59 16.16 18.75 7.51
C PRO A 59 15.56 19.83 6.59
N ASP A 60 15.92 21.08 6.83
CA ASP A 60 15.40 22.29 6.12
C ASP A 60 15.57 22.14 4.59
N ARG A 61 16.71 21.62 4.13
CA ARG A 61 17.02 21.47 2.68
C ARG A 61 16.01 20.54 1.97
N VAL A 62 15.44 19.57 2.70
CA VAL A 62 14.33 18.70 2.22
C VAL A 62 13.01 19.44 2.44
N LEU A 63 12.82 19.95 3.67
CA LEU A 63 11.53 20.52 4.15
C LEU A 63 11.12 21.69 3.23
N SER A 64 12.07 22.49 2.76
CA SER A 64 11.79 23.78 2.05
C SER A 64 11.50 23.57 0.57
N THR A 65 11.70 22.34 0.05
CA THR A 65 11.49 22.01 -1.39
C THR A 65 10.00 22.19 -1.69
N PRO A 66 9.63 22.66 -2.90
CA PRO A 66 8.22 22.89 -3.22
C PRO A 66 7.33 21.67 -2.97
N SER A 67 7.82 20.45 -3.30
CA SER A 67 7.04 19.18 -3.26
C SER A 67 6.59 18.89 -1.82
N VAL A 68 7.52 18.96 -0.87
CA VAL A 68 7.24 18.67 0.57
C VAL A 68 6.30 19.74 1.10
N GLN A 69 6.60 21.01 0.81
CA GLN A 69 5.76 22.18 1.18
C GLN A 69 4.36 21.90 0.66
N LEU A 70 4.23 21.45 -0.57
CA LEU A 70 2.90 21.28 -1.21
C LEU A 70 2.11 20.21 -0.44
N VAL A 71 2.70 19.05 -0.15
CA VAL A 71 1.90 17.95 0.47
C VAL A 71 1.65 18.30 1.93
N GLN A 72 2.58 18.97 2.61
CA GLN A 72 2.30 19.55 3.96
C GLN A 72 1.07 20.47 3.88
N SER A 73 0.94 21.30 2.84
CA SER A 73 -0.22 22.21 2.66
C SER A 73 -1.52 21.37 2.58
N TRP A 74 -1.52 20.26 1.84
CA TRP A 74 -2.66 19.31 1.71
C TRP A 74 -3.02 18.74 3.10
N TYR A 75 -2.01 18.31 3.86
CA TYR A 75 -2.19 17.68 5.19
C TYR A 75 -2.78 18.70 6.16
N VAL A 76 -2.27 19.94 6.16
CA VAL A 76 -2.83 21.02 7.03
C VAL A 76 -4.31 21.22 6.64
N GLN A 77 -4.65 21.39 5.36
CA GLN A 77 -6.07 21.66 5.00
C GLN A 77 -6.96 20.53 5.54
N SER A 78 -6.51 19.28 5.38
CA SER A 78 -7.29 18.04 5.67
C SER A 78 -7.51 17.92 7.18
N LEU A 79 -6.50 18.23 7.97
CA LEU A 79 -6.60 18.26 9.45
C LEU A 79 -7.67 19.29 9.83
N LEU A 80 -7.47 20.53 9.38
CA LEU A 80 -8.41 21.68 9.57
C LEU A 80 -9.82 21.27 9.15
N ASP A 81 -9.97 20.69 7.96
CA ASP A 81 -11.30 20.25 7.41
C ASP A 81 -12.04 19.42 8.45
N ILE A 82 -11.31 18.61 9.24
CA ILE A 82 -11.87 17.55 10.13
C ILE A 82 -12.15 18.13 11.53
N MET A 83 -11.30 19.04 12.00
CA MET A 83 -11.53 19.91 13.19
C MET A 83 -12.99 20.42 13.22
N GLU A 84 -13.41 21.13 12.17
CA GLU A 84 -14.78 21.69 12.00
C GLU A 84 -15.84 20.78 12.66
N PHE A 85 -15.64 19.46 12.62
CA PHE A 85 -16.63 18.42 13.04
C PHE A 85 -16.49 18.01 14.51
N LEU A 86 -15.47 18.52 15.23
CA LEU A 86 -15.12 18.06 16.61
C LEU A 86 -16.21 18.43 17.62
N ASP A 87 -16.68 19.69 17.57
CA ASP A 87 -17.81 20.19 18.41
C ASP A 87 -19.12 19.55 17.96
N LYS A 88 -19.28 19.32 16.65
CA LYS A 88 -20.58 19.04 15.98
C LYS A 88 -21.29 17.85 16.62
N ASP A 89 -22.61 17.77 16.38
CA ASP A 89 -23.52 16.78 17.04
C ASP A 89 -23.79 15.65 16.05
N PRO A 90 -23.38 14.40 16.37
CA PRO A 90 -23.60 13.27 15.47
C PRO A 90 -25.08 13.06 15.06
N GLU A 91 -25.93 12.70 16.03
CA GLU A 91 -27.41 12.51 15.90
C GLU A 91 -27.92 13.17 14.61
N ASP A 92 -27.56 14.46 14.40
CA ASP A 92 -27.95 15.29 13.23
C ASP A 92 -27.41 14.67 11.93
N HIS A 93 -28.29 14.05 11.11
CA HIS A 93 -27.93 13.26 9.90
C HIS A 93 -27.28 14.15 8.84
N ARG A 94 -27.25 15.48 9.06
CA ARG A 94 -26.62 16.48 8.16
C ARG A 94 -25.20 16.78 8.64
N THR A 95 -24.86 16.46 9.90
CA THR A 95 -23.45 16.41 10.39
C THR A 95 -22.76 15.21 9.74
N LEU A 96 -23.40 14.03 9.79
CA LEU A 96 -22.86 12.74 9.29
C LEU A 96 -22.64 12.82 7.77
N SER A 97 -23.66 13.26 7.04
CA SER A 97 -23.68 13.45 5.58
C SER A 97 -22.59 14.43 5.15
N GLN A 98 -22.36 15.52 5.88
CA GLN A 98 -21.37 16.57 5.53
C GLN A 98 -19.95 16.03 5.75
N PHE A 99 -19.78 15.14 6.72
CA PHE A 99 -18.49 14.51 7.08
C PHE A 99 -18.03 13.58 5.95
N THR A 100 -18.93 12.73 5.47
CA THR A 100 -18.67 11.84 4.32
C THR A 100 -18.13 12.68 3.14
N ASP A 101 -18.77 13.80 2.82
CA ASP A 101 -18.31 14.72 1.75
C ASP A 101 -16.90 15.21 2.07
N ALA A 102 -16.64 15.55 3.33
CA ALA A 102 -15.34 16.09 3.77
C ALA A 102 -14.28 15.01 3.55
N LEU A 103 -14.58 13.74 3.84
CA LEU A 103 -13.62 12.63 3.62
C LEU A 103 -13.32 12.54 2.12
N VAL A 104 -14.38 12.55 1.29
CA VAL A 104 -14.26 12.42 -0.18
C VAL A 104 -13.39 13.55 -0.77
N THR A 105 -13.55 14.79 -0.30
CA THR A 105 -12.69 15.93 -0.73
C THR A 105 -11.23 15.68 -0.30
N ILE A 106 -11.02 15.31 0.96
CA ILE A 106 -9.67 14.99 1.53
C ILE A 106 -9.04 13.89 0.66
N ARG A 107 -9.75 12.79 0.40
CA ARG A 107 -9.20 11.65 -0.38
C ARG A 107 -8.68 12.18 -1.73
N ASN A 108 -9.54 12.90 -2.48
CA ASN A 108 -9.20 13.60 -3.76
C ASN A 108 -7.88 14.37 -3.60
N ARG A 109 -7.87 15.38 -2.73
CA ARG A 109 -6.75 16.34 -2.48
C ARG A 109 -5.39 15.63 -2.46
N HIS A 110 -5.32 14.44 -1.89
CA HIS A 110 -4.05 13.68 -1.64
C HIS A 110 -3.75 12.68 -2.78
N ASN A 111 -4.55 12.64 -3.84
CA ASN A 111 -4.39 11.59 -4.88
C ASN A 111 -2.99 11.64 -5.49
N ASP A 112 -2.33 12.80 -5.53
CA ASP A 112 -1.06 12.96 -6.28
C ASP A 112 0.16 13.03 -5.35
N VAL A 113 0.10 12.51 -4.12
CA VAL A 113 1.26 12.54 -3.18
C VAL A 113 2.44 11.80 -3.82
N VAL A 114 2.19 10.64 -4.42
CA VAL A 114 3.27 9.69 -4.82
C VAL A 114 4.13 10.34 -5.89
N PRO A 115 3.54 10.82 -7.01
CA PRO A 115 4.34 11.49 -8.02
C PRO A 115 4.91 12.81 -7.48
N THR A 116 4.18 13.50 -6.58
CA THR A 116 4.63 14.77 -5.93
C THR A 116 5.90 14.51 -5.10
N MET A 117 5.89 13.49 -4.23
CA MET A 117 7.07 13.09 -3.42
C MET A 117 8.21 12.60 -4.34
N ALA A 118 7.88 11.83 -5.39
CA ALA A 118 8.85 11.29 -6.38
C ALA A 118 9.67 12.44 -6.95
N GLN A 119 9.00 13.57 -7.23
CA GLN A 119 9.60 14.81 -7.78
C GLN A 119 10.58 15.39 -6.75
N GLY A 120 10.24 15.36 -5.45
CA GLY A 120 11.13 15.76 -4.35
C GLY A 120 12.35 14.87 -4.22
N VAL A 121 12.17 13.56 -4.37
CA VAL A 121 13.30 12.59 -4.39
C VAL A 121 14.21 12.96 -5.56
N LEU A 122 13.62 13.12 -6.73
CA LEU A 122 14.34 13.47 -7.99
C LEU A 122 15.14 14.77 -7.82
N GLU A 123 14.57 15.83 -7.25
CA GLU A 123 15.34 17.09 -7.17
C GLU A 123 16.37 16.98 -6.03
N TYR A 124 16.16 16.10 -5.04
CA TYR A 124 17.18 15.85 -3.99
C TYR A 124 18.41 15.15 -4.59
N LYS A 125 18.20 14.17 -5.47
CA LYS A 125 19.29 13.41 -6.13
C LYS A 125 20.22 14.39 -6.88
N ASP A 126 19.65 15.39 -7.53
CA ASP A 126 20.38 16.36 -8.39
C ASP A 126 20.97 17.47 -7.53
N THR A 127 20.28 17.87 -6.47
CA THR A 127 20.66 19.01 -5.61
C THR A 127 21.69 18.61 -4.54
N TYR A 128 21.64 17.38 -4.00
CA TYR A 128 22.44 16.93 -2.82
C TYR A 128 23.11 15.55 -3.05
N GLY A 129 22.61 14.72 -3.97
CA GLY A 129 23.30 13.48 -4.39
C GLY A 129 22.57 12.20 -4.00
N ASP A 130 23.15 11.05 -4.37
CA ASP A 130 22.50 9.72 -4.24
C ASP A 130 23.43 8.78 -3.49
N ASP A 131 24.05 9.29 -2.43
CA ASP A 131 24.90 8.52 -1.49
C ASP A 131 24.01 7.57 -0.68
N PRO A 132 24.56 6.43 -0.20
CA PRO A 132 23.77 5.43 0.52
C PRO A 132 23.11 5.94 1.81
N VAL A 133 23.68 6.95 2.47
CA VAL A 133 23.08 7.51 3.71
C VAL A 133 21.78 8.27 3.35
N SER A 134 21.81 9.07 2.29
CA SER A 134 20.61 9.75 1.71
C SER A 134 19.58 8.68 1.34
N ASN A 135 20.00 7.58 0.71
CA ASN A 135 19.11 6.44 0.35
C ASN A 135 18.37 5.92 1.60
N GLN A 136 19.06 5.64 2.71
CA GLN A 136 18.46 5.06 3.94
C GLN A 136 17.46 6.04 4.58
N ASN A 137 17.74 7.33 4.55
CA ASN A 137 16.81 8.35 5.13
C ASN A 137 15.57 8.50 4.26
N ILE A 138 15.74 8.54 2.93
CA ILE A 138 14.58 8.61 2.01
C ILE A 138 13.69 7.39 2.29
N GLN A 139 14.31 6.22 2.27
CA GLN A 139 13.65 4.90 2.45
C GLN A 139 12.93 4.84 3.79
N TYR A 140 13.61 5.26 4.87
CA TYR A 140 13.05 5.27 6.24
C TYR A 140 11.79 6.13 6.24
N PHE A 141 11.95 7.37 5.78
CA PHE A 141 10.86 8.39 5.80
C PHE A 141 9.69 7.94 4.92
N LEU A 142 9.92 7.59 3.66
CA LEU A 142 8.83 7.33 2.67
C LEU A 142 8.08 6.03 3.01
N ASP A 143 8.78 5.01 3.51
CA ASP A 143 8.10 3.77 4.01
C ASP A 143 7.05 4.15 5.07
N ARG A 144 7.41 5.02 6.01
CA ARG A 144 6.50 5.44 7.12
C ARG A 144 5.42 6.35 6.52
N PHE A 145 5.81 7.30 5.67
CA PHE A 145 4.88 8.28 5.06
C PHE A 145 3.81 7.50 4.28
N TYR A 146 4.26 6.60 3.40
CA TYR A 146 3.36 5.85 2.52
C TYR A 146 2.50 4.86 3.33
N LEU A 147 3.06 4.22 4.36
CA LEU A 147 2.28 3.27 5.20
C LEU A 147 1.20 4.05 5.95
N SER A 148 1.54 5.21 6.52
CA SER A 148 0.57 6.16 7.15
C SER A 148 -0.52 6.48 6.15
N ARG A 149 -0.14 6.85 4.93
CA ARG A 149 -1.09 7.23 3.88
C ARG A 149 -2.01 6.05 3.58
N ILE A 150 -1.46 4.84 3.43
CA ILE A 150 -2.28 3.65 3.11
C ILE A 150 -3.34 3.54 4.21
N SER A 151 -2.94 3.74 5.47
CA SER A 151 -3.76 3.49 6.68
C SER A 151 -4.89 4.50 6.74
N ILE A 152 -4.62 5.74 6.33
CA ILE A 152 -5.64 6.83 6.30
C ILE A 152 -6.61 6.56 5.15
N ARG A 153 -6.13 6.20 3.96
CA ARG A 153 -7.03 5.90 2.81
C ARG A 153 -7.97 4.76 3.20
N MET A 154 -7.49 3.79 3.97
CA MET A 154 -8.28 2.60 4.37
C MET A 154 -9.46 3.05 5.25
N LEU A 155 -9.20 3.82 6.32
CA LEU A 155 -10.26 4.39 7.19
C LEU A 155 -11.29 5.13 6.34
N ILE A 156 -10.84 5.98 5.43
CA ILE A 156 -11.74 6.87 4.64
C ILE A 156 -12.55 6.02 3.66
N ASN A 157 -11.92 5.10 2.95
CA ASN A 157 -12.64 4.19 2.02
C ASN A 157 -13.74 3.45 2.80
N GLN A 158 -13.40 2.93 3.98
CA GLN A 158 -14.32 2.09 4.79
C GLN A 158 -15.56 2.93 5.17
N HIS A 159 -15.37 4.17 5.61
CA HIS A 159 -16.49 5.08 5.96
C HIS A 159 -17.33 5.41 4.72
N THR A 160 -16.71 5.86 3.62
CA THR A 160 -17.45 6.39 2.44
C THR A 160 -18.14 5.26 1.67
N LEU A 161 -17.55 4.06 1.63
CA LEU A 161 -18.11 2.92 0.87
C LEU A 161 -19.29 2.30 1.62
N ILE A 162 -19.30 2.31 2.95
CA ILE A 162 -20.35 1.63 3.76
C ILE A 162 -21.53 2.58 3.97
N PHE A 163 -21.27 3.84 4.33
CA PHE A 163 -22.30 4.86 4.66
C PHE A 163 -22.49 5.82 3.47
N ASP A 164 -23.28 5.39 2.47
CA ASP A 164 -23.42 6.08 1.15
C ASP A 164 -24.80 6.75 1.04
N PRO A 172 -25.55 -7.49 1.88
CA PRO A 172 -24.33 -6.73 1.50
C PRO A 172 -23.02 -7.50 1.77
N LYS A 173 -22.52 -8.28 0.79
CA LYS A 173 -21.44 -9.32 0.88
C LYS A 173 -20.06 -8.70 1.23
N HIS A 174 -19.48 -7.91 0.33
CA HIS A 174 -18.29 -7.05 0.62
C HIS A 174 -18.65 -6.02 1.70
N ILE A 175 -17.65 -5.55 2.45
CA ILE A 175 -17.81 -4.55 3.55
C ILE A 175 -16.86 -3.39 3.24
N GLY A 176 -17.33 -2.45 2.44
CA GLY A 176 -16.46 -1.46 1.78
C GLY A 176 -15.41 -2.18 0.95
N SER A 177 -14.13 -1.91 1.22
CA SER A 177 -12.96 -2.44 0.48
C SER A 177 -12.64 -3.88 0.94
N ILE A 178 -13.27 -4.38 2.02
CA ILE A 178 -12.96 -5.71 2.60
C ILE A 178 -13.91 -6.78 2.01
N ASP A 179 -13.32 -7.86 1.51
CA ASP A 179 -14.05 -9.08 1.09
C ASP A 179 -13.86 -10.10 2.20
N PRO A 180 -14.96 -10.52 2.88
CA PRO A 180 -14.83 -11.50 3.96
C PRO A 180 -14.61 -12.90 3.35
N ASN A 181 -14.95 -13.10 2.09
CA ASN A 181 -14.75 -14.41 1.42
C ASN A 181 -13.95 -14.22 0.13
N CYS A 182 -12.78 -13.57 0.25
CA CYS A 182 -11.84 -13.25 -0.87
C CYS A 182 -11.25 -14.55 -1.43
N ASN A 183 -11.52 -14.85 -2.70
CA ASN A 183 -10.91 -16.02 -3.38
C ASN A 183 -9.61 -15.55 -4.01
N VAL A 184 -8.49 -16.02 -3.46
CA VAL A 184 -7.15 -15.48 -3.79
C VAL A 184 -6.83 -15.74 -5.27
N SER A 185 -7.08 -16.96 -5.76
CA SER A 185 -6.77 -17.35 -7.16
C SER A 185 -7.50 -16.43 -8.15
N GLU A 186 -8.75 -16.03 -7.84
CA GLU A 186 -9.55 -15.11 -8.70
C GLU A 186 -8.82 -13.77 -8.82
N VAL A 187 -8.32 -13.21 -7.71
CA VAL A 187 -7.54 -11.94 -7.74
C VAL A 187 -6.23 -12.16 -8.52
N VAL A 188 -5.60 -13.33 -8.37
CA VAL A 188 -4.39 -13.66 -9.18
C VAL A 188 -4.75 -13.61 -10.66
N LYS A 189 -5.87 -14.22 -11.10
CA LYS A 189 -6.22 -14.27 -12.56
C LYS A 189 -6.53 -12.87 -13.06
N ASP A 190 -7.23 -12.05 -12.25
CA ASP A 190 -7.60 -10.66 -12.58
C ASP A 190 -6.35 -9.83 -12.87
N ALA A 191 -5.40 -9.83 -11.93
CA ALA A 191 -4.10 -9.13 -12.06
C ALA A 191 -3.35 -9.68 -13.27
N TYR A 192 -3.34 -11.00 -13.45
CA TYR A 192 -2.67 -11.64 -14.61
C TYR A 192 -3.28 -11.11 -15.91
N ASP A 193 -4.59 -11.16 -16.05
CA ASP A 193 -5.30 -10.82 -17.32
C ASP A 193 -5.03 -9.35 -17.68
N MET A 194 -5.00 -8.48 -16.69
CA MET A 194 -4.78 -7.04 -16.93
C MET A 194 -3.33 -6.82 -17.33
N ALA A 195 -2.39 -7.51 -16.66
CA ALA A 195 -0.95 -7.41 -16.99
C ALA A 195 -0.71 -8.02 -18.39
N LYS A 196 -1.36 -9.15 -18.70
CA LYS A 196 -1.30 -9.81 -20.04
C LYS A 196 -1.81 -8.87 -21.14
N LEU A 197 -2.94 -8.20 -20.90
CA LEU A 197 -3.54 -7.20 -21.81
C LEU A 197 -2.49 -6.15 -22.16
N LEU A 198 -1.92 -5.47 -21.16
CA LEU A 198 -0.85 -4.47 -21.39
C LEU A 198 0.37 -5.13 -22.05
N CYS A 199 0.78 -6.29 -21.56
CA CYS A 199 2.00 -6.98 -22.05
C CYS A 199 1.78 -7.37 -23.52
N ASP A 200 0.59 -7.84 -23.88
CA ASP A 200 0.25 -8.21 -25.29
C ASP A 200 0.33 -6.96 -26.17
N LYS A 201 -0.18 -5.83 -25.69
CA LYS A 201 -0.22 -4.52 -26.39
C LYS A 201 1.21 -4.08 -26.73
N TYR A 202 2.09 -4.07 -25.74
CA TYR A 202 3.45 -3.49 -25.84
C TYR A 202 4.41 -4.49 -26.51
N TYR A 203 4.30 -5.79 -26.25
CA TYR A 203 5.33 -6.79 -26.64
C TYR A 203 4.83 -7.75 -27.74
N MET A 204 3.53 -7.77 -28.05
CA MET A 204 2.96 -8.77 -29.01
C MET A 204 3.40 -10.19 -28.63
N ALA A 205 3.53 -10.45 -27.32
CA ALA A 205 3.64 -11.79 -26.69
C ALA A 205 3.60 -11.63 -25.17
N SER A 206 3.02 -12.64 -24.51
CA SER A 206 2.72 -12.67 -23.06
C SER A 206 2.94 -14.10 -22.59
N PRO A 207 3.65 -14.32 -21.46
CA PRO A 207 3.73 -15.65 -20.86
C PRO A 207 2.34 -16.13 -20.41
N ASP A 208 2.12 -17.43 -20.37
CA ASP A 208 0.90 -18.03 -19.79
C ASP A 208 1.03 -18.08 -18.27
N LEU A 209 -0.09 -18.35 -17.57
CA LEU A 209 -0.21 -18.45 -16.10
C LEU A 209 -0.53 -19.90 -15.72
N GLU A 210 0.14 -20.44 -14.71
CA GLU A 210 -0.31 -21.67 -14.00
C GLU A 210 -0.49 -21.28 -12.53
N ILE A 211 -1.63 -21.62 -11.96
CA ILE A 211 -1.87 -21.47 -10.51
C ILE A 211 -1.92 -22.89 -9.96
N GLN A 212 -1.18 -23.15 -8.88
CA GLN A 212 -1.34 -24.36 -8.06
C GLN A 212 -1.73 -23.85 -6.67
N GLU A 213 -2.70 -24.50 -6.04
CA GLU A 213 -3.14 -24.22 -4.66
C GLU A 213 -2.69 -25.37 -3.78
N ILE A 214 -2.25 -25.05 -2.56
CA ILE A 214 -1.82 -26.00 -1.51
C ILE A 214 -2.61 -25.62 -0.25
N ASN A 215 -3.78 -26.20 -0.04
CA ASN A 215 -4.55 -25.99 1.21
C ASN A 215 -4.10 -27.09 2.17
N ALA A 216 -3.07 -26.83 2.98
CA ALA A 216 -2.44 -27.84 3.88
C ALA A 216 -3.52 -28.63 4.61
N ALA A 217 -4.40 -27.95 5.36
CA ALA A 217 -5.44 -28.55 6.24
C ALA A 217 -6.54 -29.24 5.41
N ASN A 218 -6.97 -28.65 4.29
CA ASN A 218 -8.14 -29.11 3.48
C ASN A 218 -7.72 -29.20 2.02
N SER A 219 -6.93 -30.22 1.66
CA SER A 219 -6.31 -30.35 0.31
C SER A 219 -7.33 -30.07 -0.81
N LYS A 220 -8.63 -30.12 -0.51
CA LYS A 220 -9.66 -29.95 -1.57
C LYS A 220 -10.10 -28.48 -1.66
N GLN A 221 -10.49 -27.85 -0.54
CA GLN A 221 -11.19 -26.54 -0.51
C GLN A 221 -10.38 -25.47 -1.25
N PRO A 222 -11.01 -24.65 -2.14
CA PRO A 222 -10.34 -23.49 -2.71
C PRO A 222 -10.00 -22.52 -1.56
N ILE A 223 -8.89 -21.78 -1.70
CA ILE A 223 -8.32 -20.94 -0.60
C ILE A 223 -9.04 -19.58 -0.62
N HIS A 224 -9.81 -19.30 0.44
CA HIS A 224 -10.52 -18.01 0.66
C HIS A 224 -9.89 -17.35 1.88
N MET A 225 -10.09 -16.05 2.06
CA MET A 225 -9.52 -15.32 3.20
C MET A 225 -10.28 -14.00 3.34
N VAL A 226 -10.17 -13.37 4.50
CA VAL A 226 -10.64 -11.98 4.74
C VAL A 226 -9.48 -11.04 4.35
N TYR A 227 -9.69 -10.21 3.33
CA TYR A 227 -8.65 -9.28 2.87
C TYR A 227 -9.31 -8.11 2.16
N VAL A 228 -8.48 -7.15 1.79
CA VAL A 228 -8.80 -5.98 0.93
C VAL A 228 -8.35 -6.37 -0.49
N PRO A 229 -9.25 -6.89 -1.35
CA PRO A 229 -8.81 -7.41 -2.65
C PRO A 229 -8.09 -6.35 -3.50
N SER A 230 -8.50 -5.08 -3.46
CA SER A 230 -7.80 -3.96 -4.16
C SER A 230 -6.29 -3.97 -3.82
N HIS A 231 -5.94 -4.10 -2.53
CA HIS A 231 -4.54 -4.12 -2.05
C HIS A 231 -3.81 -5.30 -2.68
N LEU A 232 -4.46 -6.47 -2.71
CA LEU A 232 -3.85 -7.74 -3.18
C LEU A 232 -3.63 -7.64 -4.70
N TYR A 233 -4.63 -7.08 -5.39
CA TYR A 233 -4.57 -6.79 -6.84
C TYR A 233 -3.39 -5.84 -7.11
N HIS A 234 -3.22 -4.76 -6.35
CA HIS A 234 -2.10 -3.81 -6.53
C HIS A 234 -0.78 -4.59 -6.53
N MET A 235 -0.59 -5.46 -5.53
CA MET A 235 0.68 -6.21 -5.32
C MET A 235 0.87 -7.23 -6.44
N LEU A 236 -0.17 -8.02 -6.73
CA LEU A 236 -0.10 -9.09 -7.76
C LEU A 236 0.11 -8.46 -9.13
N PHE A 237 -0.53 -7.32 -9.41
CA PHE A 237 -0.36 -6.58 -10.68
C PHE A 237 1.13 -6.20 -10.84
N GLU A 238 1.73 -5.51 -9.88
CA GLU A 238 3.18 -5.12 -9.91
C GLU A 238 4.08 -6.33 -10.17
N LEU A 239 3.83 -7.41 -9.45
CA LEU A 239 4.66 -8.62 -9.56
C LEU A 239 4.52 -9.18 -10.98
N PHE A 240 3.31 -9.20 -11.53
CA PHE A 240 3.06 -9.67 -12.92
C PHE A 240 3.78 -8.76 -13.91
N LYS A 241 3.69 -7.45 -13.78
CA LYS A 241 4.41 -6.54 -14.73
C LYS A 241 5.86 -7.00 -14.78
N ASN A 242 6.47 -7.14 -13.62
CA ASN A 242 7.92 -7.41 -13.45
C ASN A 242 8.27 -8.74 -14.10
N ALA A 243 7.51 -9.78 -13.77
CA ALA A 243 7.76 -11.17 -14.20
C ALA A 243 7.56 -11.27 -15.73
N MET A 244 6.61 -10.49 -16.27
CA MET A 244 6.26 -10.51 -17.72
C MET A 244 7.33 -9.74 -18.48
N ARG A 245 7.69 -8.53 -18.06
CA ARG A 245 8.75 -7.74 -18.74
C ARG A 245 10.01 -8.60 -18.76
N ALA A 246 10.32 -9.24 -17.63
CA ALA A 246 11.54 -10.03 -17.45
C ALA A 246 11.48 -11.22 -18.42
N THR A 247 10.41 -12.02 -18.33
CA THR A 247 10.30 -13.29 -19.09
C THR A 247 10.35 -12.98 -20.60
N VAL A 248 9.69 -11.91 -21.03
CA VAL A 248 9.57 -11.55 -22.48
C VAL A 248 10.95 -11.11 -22.99
N GLU A 249 11.53 -10.10 -22.36
CA GLU A 249 12.80 -9.48 -22.79
C GLU A 249 13.95 -10.49 -22.68
N SER A 250 13.95 -11.37 -21.69
CA SER A 250 15.00 -12.39 -21.55
C SER A 250 14.91 -13.34 -22.74
N HIS A 251 13.72 -13.55 -23.33
CA HIS A 251 13.48 -14.56 -24.41
C HIS A 251 13.17 -13.93 -25.77
N GLU A 252 13.60 -12.70 -26.05
CA GLU A 252 13.29 -12.06 -27.36
C GLU A 252 13.92 -12.88 -28.51
N SER A 253 15.16 -13.38 -28.34
CA SER A 253 15.90 -14.18 -29.36
C SER A 253 15.44 -15.63 -29.35
N SER A 254 14.46 -15.99 -28.53
CA SER A 254 13.98 -17.39 -28.32
C SER A 254 12.51 -17.45 -28.75
N LEU A 255 11.94 -18.66 -28.89
CA LEU A 255 10.58 -18.85 -29.47
C LEU A 255 9.61 -19.28 -28.35
N ILE A 256 9.97 -20.25 -27.51
CA ILE A 256 9.21 -20.60 -26.26
C ILE A 256 9.38 -19.47 -25.24
N LEU A 257 8.24 -19.06 -24.66
CA LEU A 257 8.09 -18.15 -23.50
C LEU A 257 7.70 -19.04 -22.33
N PRO A 258 8.57 -19.21 -21.32
CA PRO A 258 8.20 -19.99 -20.14
C PRO A 258 7.00 -19.30 -19.53
N PRO A 259 6.08 -20.08 -18.93
CA PRO A 259 4.96 -19.48 -18.20
C PRO A 259 5.45 -18.82 -16.92
N ILE A 260 4.54 -18.07 -16.31
CA ILE A 260 4.62 -17.57 -14.91
C ILE A 260 3.77 -18.51 -14.04
N LYS A 261 4.37 -19.06 -12.98
CA LYS A 261 3.74 -20.04 -12.08
C LYS A 261 3.54 -19.34 -10.74
N VAL A 262 2.30 -19.32 -10.26
CA VAL A 262 1.91 -18.80 -8.94
C VAL A 262 1.52 -20.01 -8.13
N MET A 263 2.05 -20.16 -6.93
CA MET A 263 1.52 -21.08 -5.88
C MET A 263 0.82 -20.25 -4.83
N VAL A 264 -0.36 -20.69 -4.39
CA VAL A 264 -1.07 -20.17 -3.20
C VAL A 264 -1.04 -21.31 -2.19
N ALA A 265 -0.40 -21.08 -1.04
CA ALA A 265 -0.23 -22.04 0.08
C ALA A 265 -0.98 -21.51 1.29
N LEU A 266 -1.80 -22.33 1.93
CA LEU A 266 -2.49 -21.93 3.18
C LEU A 266 -2.01 -22.83 4.30
N GLY A 267 -1.34 -22.26 5.31
CA GLY A 267 -0.88 -22.94 6.53
C GLY A 267 -1.74 -22.50 7.70
N GLU A 268 -1.33 -22.87 8.92
CA GLU A 268 -2.01 -22.55 10.21
C GLU A 268 -2.02 -21.02 10.40
N GLU A 269 -0.98 -20.36 9.90
CA GLU A 269 -0.66 -18.96 10.27
C GLU A 269 -0.49 -18.09 9.00
N ASP A 270 0.14 -18.62 7.96
CA ASP A 270 0.51 -17.86 6.75
C ASP A 270 -0.37 -18.29 5.58
N LEU A 271 -0.84 -17.31 4.81
CA LEU A 271 -1.29 -17.50 3.42
C LEU A 271 -0.22 -16.88 2.52
N SER A 272 0.54 -17.70 1.79
CA SER A 272 1.75 -17.28 1.04
C SER A 272 1.45 -17.39 -0.45
N ILE A 273 1.87 -16.40 -1.24
CA ILE A 273 1.60 -16.34 -2.70
C ILE A 273 2.93 -16.13 -3.37
N LYS A 274 3.42 -17.18 -4.02
CA LYS A 274 4.69 -17.18 -4.78
C LYS A 274 4.39 -17.05 -6.28
N MET A 275 5.07 -16.11 -6.91
CA MET A 275 5.12 -15.92 -8.37
C MET A 275 6.55 -16.22 -8.83
N SER A 276 6.70 -17.36 -9.48
CA SER A 276 7.96 -17.87 -10.04
C SER A 276 7.96 -17.58 -11.54
N ASP A 277 9.05 -16.99 -12.04
CA ASP A 277 9.29 -16.68 -13.47
C ASP A 277 10.67 -17.23 -13.87
N ARG A 278 10.90 -17.32 -15.18
CA ARG A 278 12.23 -17.65 -15.76
C ARG A 278 12.70 -16.46 -16.59
N GLY A 279 12.67 -15.26 -16.00
CA GLY A 279 13.08 -14.01 -16.66
C GLY A 279 14.58 -13.81 -16.68
N GLY A 280 15.38 -14.79 -16.20
CA GLY A 280 16.85 -14.66 -16.18
C GLY A 280 17.41 -14.02 -14.91
N GLY A 281 16.55 -13.50 -14.03
CA GLY A 281 16.87 -13.24 -12.62
C GLY A 281 17.76 -12.02 -12.42
N VAL A 282 18.24 -11.81 -11.19
CA VAL A 282 18.99 -10.63 -10.70
C VAL A 282 20.16 -11.09 -9.82
N PRO A 283 21.38 -10.53 -9.94
CA PRO A 283 22.41 -10.82 -8.96
C PRO A 283 21.93 -10.36 -7.57
N LEU A 284 22.26 -11.15 -6.53
CA LEU A 284 21.88 -10.86 -5.12
C LEU A 284 22.17 -9.38 -4.78
N ARG A 285 23.32 -8.86 -5.20
CA ARG A 285 23.83 -7.49 -4.91
C ARG A 285 22.80 -6.45 -5.34
N LYS A 286 22.06 -6.68 -6.42
CA LYS A 286 21.13 -5.68 -7.00
C LYS A 286 19.71 -5.84 -6.47
N ILE A 287 19.37 -6.86 -5.69
CA ILE A 287 17.98 -7.05 -5.18
C ILE A 287 17.53 -5.83 -4.36
N GLU A 288 18.30 -5.39 -3.35
CA GLU A 288 17.85 -4.31 -2.42
C GLU A 288 17.40 -3.08 -3.23
N ARG A 289 18.13 -2.69 -4.27
CA ARG A 289 17.86 -1.49 -5.11
C ARG A 289 16.44 -1.51 -5.68
N LEU A 290 15.85 -2.68 -5.89
CA LEU A 290 14.48 -2.84 -6.47
C LEU A 290 13.45 -2.31 -5.47
N PHE A 291 13.79 -2.22 -4.19
CA PHE A 291 12.87 -1.72 -3.15
C PHE A 291 13.21 -0.26 -2.81
N SER A 292 14.28 0.30 -3.38
CA SER A 292 14.79 1.66 -3.04
C SER A 292 14.01 2.72 -3.81
N TYR A 293 13.33 3.63 -3.10
CA TYR A 293 12.64 4.78 -3.72
C TYR A 293 13.65 5.58 -4.54
N MET A 294 14.83 5.81 -3.97
CA MET A 294 15.83 6.71 -4.60
C MET A 294 16.37 6.07 -5.89
N TYR A 295 16.82 4.81 -5.82
CA TYR A 295 17.50 4.11 -6.94
C TYR A 295 16.50 3.76 -8.05
N SER A 296 15.19 3.71 -7.76
CA SER A 296 14.12 3.46 -8.76
C SER A 296 13.41 4.76 -9.14
N THR A 297 14.05 5.92 -8.91
CA THR A 297 13.62 7.27 -9.39
C THR A 297 14.53 7.68 -10.55
N ALA A 298 14.01 7.66 -11.78
CA ALA A 298 14.76 7.82 -13.05
C ALA A 298 14.65 9.24 -13.60
N PRO A 299 13.44 9.75 -14.00
CA PRO A 299 13.35 10.82 -14.99
C PRO A 299 14.55 11.79 -14.91
N PHE A 313 2.28 1.88 -15.29
CA PHE A 313 1.15 1.22 -14.56
C PHE A 313 1.67 0.50 -13.30
N GLY A 314 0.94 0.61 -12.20
CA GLY A 314 1.25 -0.08 -10.93
C GLY A 314 1.94 0.86 -9.95
N TYR A 315 1.96 0.46 -8.67
CA TYR A 315 2.33 1.29 -7.49
C TYR A 315 3.85 1.20 -7.19
N GLY A 316 4.58 0.26 -7.82
CA GLY A 316 6.00 -0.02 -7.59
C GLY A 316 6.16 -1.18 -6.61
N LEU A 317 7.37 -1.71 -6.50
CA LEU A 317 7.70 -2.76 -5.50
C LEU A 317 7.69 -2.19 -4.08
N PRO A 318 8.38 -1.06 -3.79
CA PRO A 318 8.49 -0.58 -2.41
C PRO A 318 7.09 -0.42 -1.80
N ILE A 319 6.15 0.12 -2.58
CA ILE A 319 4.77 0.42 -2.09
C ILE A 319 3.96 -0.88 -2.05
N SER A 320 4.15 -1.80 -3.02
CA SER A 320 3.50 -3.14 -2.97
C SER A 320 3.88 -3.83 -1.66
N ARG A 321 5.16 -3.77 -1.28
CA ARG A 321 5.62 -4.34 0.00
C ARG A 321 4.92 -3.67 1.21
N LEU A 322 4.69 -2.36 1.15
CA LEU A 322 3.97 -1.64 2.24
C LEU A 322 2.55 -2.20 2.34
N TYR A 323 1.84 -2.40 1.24
CA TYR A 323 0.47 -3.00 1.30
C TYR A 323 0.52 -4.37 2.02
N ALA A 324 1.59 -5.15 1.81
CA ALA A 324 1.77 -6.48 2.44
C ALA A 324 1.96 -6.28 3.94
N LYS A 325 2.88 -5.40 4.29
CA LYS A 325 3.21 -5.09 5.71
C LYS A 325 1.98 -4.52 6.44
N TYR A 326 1.10 -3.80 5.75
CA TYR A 326 -0.01 -3.01 6.34
C TYR A 326 -0.85 -3.88 7.28
N PHE A 327 -1.08 -5.14 6.94
CA PHE A 327 -1.85 -6.10 7.77
C PHE A 327 -0.94 -7.24 8.29
N GLN A 328 0.30 -6.89 8.65
CA GLN A 328 1.30 -7.78 9.32
C GLN A 328 1.82 -8.83 8.32
N GLY A 329 1.78 -8.55 7.03
CA GLY A 329 2.36 -9.44 6.00
C GLY A 329 3.76 -9.02 5.66
N ASP A 330 4.31 -9.55 4.56
CA ASP A 330 5.55 -9.03 3.94
C ASP A 330 5.55 -9.41 2.46
N LEU A 331 6.49 -8.86 1.72
CA LEU A 331 6.75 -9.17 0.30
C LEU A 331 8.26 -9.26 0.14
N GLN A 332 8.75 -10.42 -0.31
CA GLN A 332 10.21 -10.71 -0.42
C GLN A 332 10.50 -11.19 -1.84
N LEU A 333 11.66 -10.81 -2.37
CA LEU A 333 12.19 -11.29 -3.66
C LEU A 333 13.41 -12.15 -3.39
N PHE A 334 13.45 -13.32 -4.01
CA PHE A 334 14.63 -14.22 -4.08
CA PHE A 334 14.70 -14.11 -4.12
C PHE A 334 14.83 -14.61 -5.55
N SER A 335 15.99 -14.31 -6.12
CA SER A 335 16.32 -14.59 -7.54
C SER A 335 17.46 -15.62 -7.60
N MET A 336 17.63 -16.18 -8.79
CA MET A 336 18.73 -17.09 -9.19
C MET A 336 19.32 -16.51 -10.47
N GLU A 337 20.33 -15.65 -10.38
CA GLU A 337 20.86 -14.98 -11.57
C GLU A 337 21.07 -16.08 -12.60
N GLY A 338 20.50 -15.93 -13.80
CA GLY A 338 20.68 -16.86 -14.93
C GLY A 338 19.47 -17.73 -15.17
N PHE A 339 18.55 -17.76 -14.21
CA PHE A 339 17.32 -18.58 -14.26
C PHE A 339 16.10 -17.67 -14.14
N GLY A 340 15.84 -17.11 -12.96
CA GLY A 340 14.73 -16.16 -12.79
C GLY A 340 14.43 -15.86 -11.35
N THR A 341 13.27 -15.27 -11.09
CA THR A 341 12.97 -14.62 -9.79
C THR A 341 11.71 -15.23 -9.19
N ASP A 342 11.77 -15.48 -7.89
CA ASP A 342 10.58 -15.79 -7.05
C ASP A 342 10.24 -14.53 -6.25
N ALA A 343 8.97 -14.15 -6.29
CA ALA A 343 8.39 -13.10 -5.45
C ALA A 343 7.35 -13.76 -4.55
N VAL A 344 7.41 -13.54 -3.25
CA VAL A 344 6.42 -14.12 -2.31
C VAL A 344 5.72 -12.98 -1.59
N ILE A 345 4.39 -12.99 -1.67
CA ILE A 345 3.52 -12.22 -0.74
C ILE A 345 3.17 -13.12 0.44
N TYR A 346 3.51 -12.68 1.65
CA TYR A 346 3.12 -13.33 2.93
C TYR A 346 1.98 -12.52 3.55
N LEU A 347 0.82 -13.14 3.70
CA LEU A 347 -0.34 -12.56 4.41
C LEU A 347 -0.62 -13.43 5.64
N LYS A 348 -1.34 -12.87 6.61
CA LYS A 348 -1.81 -13.61 7.79
C LYS A 348 -3.02 -14.39 7.32
N ALA A 349 -3.04 -15.71 7.53
CA ALA A 349 -4.15 -16.60 7.13
C ALA A 349 -5.42 -16.16 7.89
N LEU A 350 -5.27 -15.82 9.17
CA LEU A 350 -6.37 -15.60 10.16
C LEU A 350 -6.62 -14.10 10.31
N SER A 351 -7.89 -13.70 10.27
CA SER A 351 -8.36 -12.30 10.38
C SER A 351 -8.02 -11.74 11.77
N THR A 352 -7.84 -12.60 12.77
CA THR A 352 -7.45 -12.17 14.13
C THR A 352 -6.01 -11.64 14.14
N ASP A 353 -5.11 -12.14 13.27
CA ASP A 353 -3.67 -11.77 13.22
C ASP A 353 -3.46 -10.59 12.24
N SER A 354 -4.51 -10.24 11.48
CA SER A 354 -4.53 -9.19 10.44
C SER A 354 -4.82 -7.84 11.11
N VAL A 355 -3.79 -7.19 11.62
CA VAL A 355 -3.93 -5.90 12.36
C VAL A 355 -3.08 -4.84 11.65
N GLU A 356 -3.66 -3.66 11.52
CA GLU A 356 -2.97 -2.47 10.99
C GLU A 356 -1.57 -2.40 11.59
N ARG A 357 -0.57 -2.26 10.72
CA ARG A 357 0.82 -1.92 11.09
C ARG A 357 0.99 -0.43 10.78
N LEU A 358 1.07 0.40 11.82
CA LEU A 358 1.08 1.87 11.72
C LEU A 358 2.45 2.38 12.13
N PRO A 359 3.07 3.31 11.38
CA PRO A 359 4.27 3.99 11.90
C PRO A 359 3.79 4.92 13.01
N VAL A 360 4.36 4.82 14.22
CA VAL A 360 3.99 5.73 15.34
C VAL A 360 5.17 6.68 15.62
N TYR A 361 4.84 7.93 15.92
CA TYR A 361 5.79 9.03 16.30
C TYR A 361 6.17 8.93 17.80
N ASN A 362 7.37 8.44 18.11
CA ASN A 362 7.89 8.36 19.51
C ASN A 362 9.35 8.80 19.54
N LYS A 363 10.04 8.60 20.67
CA LYS A 363 11.46 9.01 20.88
C LYS A 363 12.29 8.52 19.68
N SER A 364 12.26 7.22 19.41
CA SER A 364 12.90 6.54 18.25
C SER A 364 12.97 7.49 17.03
C1 TF3 B . 17.65 13.16 4.61
C2 TF3 B . 17.61 13.21 6.00
C3 TF3 B . 18.89 13.13 3.99
O1 TF3 B . 16.47 13.15 3.93
C4 TF3 B . 18.76 13.22 6.75
CL1 TF3 B . 16.06 13.26 6.79
C5 TF3 B . 20.05 13.14 4.75
C6 TF3 B . 16.55 13.01 2.50
C7 TF3 B . 20.00 13.19 6.13
C8 TF3 B . 15.17 13.12 1.92
C9 TF3 B . 21.27 13.20 6.94
C10 TF3 B . 14.97 13.61 0.64
C11 TF3 B . 14.05 12.73 2.66
C12 TF3 B . 21.25 14.24 8.05
C13 TF3 B . 13.70 13.70 0.10
C14 TF3 B . 12.78 12.83 2.12
N1 TF3 B . 20.52 13.94 9.13
O2 TF3 B . 21.87 15.29 7.95
C15 TF3 B . 12.59 13.32 0.83
C16 TF3 B . 19.93 14.95 9.99
C17 TF3 B . 11.19 13.42 0.25
C18 TF3 B . 18.41 14.89 9.96
C19 TF3 B . 11.11 14.45 -0.87
C20 TF3 B . 10.67 12.07 -0.26
N2 TF3 B . 17.87 14.16 11.09
H3 TF3 B . 18.95 13.09 3.05
H4 TF3 B . 18.71 13.26 7.68
H5 TF3 B . 20.88 13.11 4.32
H6C1 TF3 B . 16.94 12.15 2.27
H6C2 TF3 B . 17.11 13.72 2.13
H9C1 TF3 B . 22.03 13.40 6.36
H9C2 TF3 B . 21.40 12.32 7.36
H10 TF3 B . 15.71 13.87 0.12
H11 TF3 B . 14.17 12.41 3.54
H13 TF3 B . 13.59 14.02 -0.78
H14 TF3 B . 12.04 12.57 2.64
H1 TF3 B . 20.38 13.09 9.32
H161 TF3 B . 20.23 15.84 9.70
H162 TF3 B . 20.24 14.82 10.91
H17 TF3 B . 10.58 13.73 0.98
H181 TF3 B . 18.13 14.45 9.13
H182 TF3 B . 18.06 15.79 9.97
H191 TF3 B . 11.99 14.85 -1.01
H192 TF3 B . 10.47 15.14 -0.65
H193 TF3 B . 10.83 14.02 -1.70
H201 TF3 B . 11.35 11.39 -0.09
H202 TF3 B . 10.48 12.12 -1.20
H203 TF3 B . 9.86 11.84 0.23
H2N1 TF3 B . 16.99 14.14 11.04
H2N2 TF3 B . 18.54 13.88 11.62
C4 NMW C . 13.48 -6.92 -15.36
C14 NMW C . 17.22 -7.96 -13.84
C5 NMW C . 14.38 -7.96 -15.27
C6 NMW C . 14.99 -8.44 -16.44
C11 NMW C . 15.76 -6.70 -12.46
C7 NMW C . 14.67 -7.92 -17.67
C8 NMW C . 15.80 -9.63 -18.93
C9 NMW C . 14.78 -8.51 -13.93
C10 NMW C . 15.95 -7.72 -13.37
C12 NMW C . 16.87 -5.97 -12.03
C13 NMW C . 18.10 -6.28 -12.54
N1 NMW C . 18.29 -7.28 -13.43
N2 NMW C . 13.64 -8.51 -13.03
C3 NMW C . 13.17 -6.37 -16.60
O3 NMW C . 14.24 -10.50 -12.13
C15 NMW C . 13.51 -9.52 -12.15
C16 NMW C . 12.28 -9.51 -11.29
C21 NMW C . 11.27 -10.42 -11.62
O5 NMW C . 11.47 -11.31 -12.65
C20 NMW C . 10.11 -10.45 -10.87
C19 NMW C . 9.93 -9.56 -9.82
O4 NMW C . 8.77 -9.59 -9.11
C18 NMW C . 10.92 -8.62 -9.52
C17 NMW C . 12.07 -8.60 -10.25
C22 NMW C . 12.58 -7.49 -13.11
C23 NMW C . 12.85 -6.38 -14.09
O2 NMW C . 15.21 -8.34 -18.87
C2 NMW C . 13.73 -6.85 -17.75
O1 NMW C . 13.46 -6.37 -19.00
C1 NMW C . 13.10 -5.00 -19.10
H14 NMW C . 17.38 -8.72 -14.61
H6 NMW C . 15.75 -9.21 -16.38
H110 NMW C . 14.77 -6.46 -12.08
H81 NMW C . 16.16 -9.80 -19.92
H83 NMW C . 15.08 -10.36 -18.69
H82 NMW C . 16.60 -9.68 -18.26
H9 NMW C . 15.13 -9.55 -14.05
H120 NMW C . 16.77 -5.15 -11.33
H130 NMW C . 18.93 -5.69 -12.19
H3 NMW C . 12.45 -5.55 -16.66
HO5 NMW C . 10.68 -11.86 -12.75
H20 NMW C . 9.32 -11.15 -11.12
HO4 NMW C . 8.80 -8.91 -8.42
H18 NMW C . 10.77 -7.93 -8.70
H17 NMW C . 12.84 -7.86 -10.02
H221 NMW C . 12.48 -6.99 -12.14
H222 NMW C . 11.66 -7.95 -13.45
H232 NMW C . 11.92 -5.90 -14.37
H231 NMW C . 13.54 -5.66 -13.65
H11 NMW C . 12.91 -4.75 -20.10
H13 NMW C . 13.88 -4.39 -18.72
H12 NMW C . 12.22 -4.82 -18.53
S DMS D . 14.17 -9.31 0.18
O DMS D . 13.02 -9.32 -0.75
C1 DMS D . 14.83 -10.96 0.27
C2 DMS D . 15.50 -8.47 -0.64
H11 DMS D . 15.59 -10.97 0.87
H12 DMS D . 15.12 -11.23 -0.61
H13 DMS D . 14.15 -11.56 0.59
H21 DMS D . 16.27 -8.44 -0.06
H22 DMS D . 15.22 -7.57 -0.85
H23 DMS D . 15.72 -8.94 -1.45
#